data_6M8M
#
_entry.id   6M8M
#
_cell.length_a   32.575
_cell.length_b   61.309
_cell.length_c   79.519
_cell.angle_alpha   90.000
_cell.angle_beta   90.000
_cell.angle_gamma   90.000
#
_symmetry.space_group_name_H-M   'P 2 21 21'
#
loop_
_entity.id
_entity.type
_entity.pdbx_description
1 polymer 'Putative large adhesion protein (Lap) involved in biofilm formation'
2 non-polymer beta-D-glucopyranose
3 non-polymer 'CALCIUM ION'
4 non-polymer 'SODIUM ION'
5 water water
#
_entity_poly.entity_id   1
_entity_poly.type   'polypeptide(L)'
_entity_poly.pdbx_seq_one_letter_code
;MASSHHHHHHSSGLVPRGSHMAPDAQADSFGGVAVQGLFGEYYAYAQGSDGGNLSNVAQVKAFIAANEADATFIGRNIDY
GSVSGDLGGNGKVQSFLKDDAGSLSTDPENSSDAIVKLTGNLELQAGTYQFRVRADDGYRIEVNGQTVAEYNGNQGANTR
TGSEFTLTGDGPHSVEIVYWDQGGAAQLRIELREQGGAYEIFGSQHASHGSENP
;
_entity_poly.pdbx_strand_id   A
#
# COMPACT_ATOMS: atom_id res chain seq x y z
N ALA A 34 -10.93 7.11 16.82
CA ALA A 34 -10.25 6.98 15.54
C ALA A 34 -8.74 7.10 15.72
N VAL A 35 -8.01 6.24 15.02
CA VAL A 35 -6.55 6.17 15.08
C VAL A 35 -5.99 6.90 13.87
N GLN A 36 -4.98 7.73 14.09
CA GLN A 36 -4.34 8.39 12.97
C GLN A 36 -3.53 7.39 12.15
N GLY A 37 -3.55 7.57 10.84
CA GLY A 37 -2.83 6.67 9.95
C GLY A 37 -3.75 5.62 9.37
N LEU A 38 -3.14 4.73 8.59
CA LEU A 38 -3.87 3.67 7.90
C LEU A 38 -3.66 2.34 8.60
N PHE A 39 -4.67 1.50 8.51
CA PHE A 39 -4.56 0.14 9.00
C PHE A 39 -3.80 -0.69 7.97
N GLY A 40 -2.71 -1.31 8.40
CA GLY A 40 -1.84 -2.08 7.51
C GLY A 40 -1.98 -3.57 7.74
N GLU A 41 -2.02 -4.30 6.64
CA GLU A 41 -2.02 -5.76 6.63
C GLU A 41 -0.93 -6.25 5.72
N TYR A 42 -0.19 -7.26 6.17
CA TYR A 42 0.90 -7.87 5.42
C TYR A 42 0.56 -9.33 5.17
N TYR A 43 0.74 -9.78 3.93
CA TYR A 43 0.49 -11.15 3.52
C TYR A 43 1.75 -11.72 2.90
N ALA A 44 2.20 -12.85 3.44
CA ALA A 44 3.26 -13.65 2.83
C ALA A 44 2.65 -14.50 1.73
N TYR A 45 3.25 -14.49 0.56
CA TYR A 45 2.78 -15.30 -0.56
C TYR A 45 3.94 -16.14 -1.05
N ALA A 46 3.73 -17.45 -1.12
CA ALA A 46 4.75 -18.41 -1.50
C ALA A 46 4.52 -18.85 -2.94
N GLN A 47 5.34 -18.35 -3.86
CA GLN A 47 5.22 -18.76 -5.24
C GLN A 47 5.50 -20.25 -5.32
N GLY A 48 4.62 -20.98 -6.00
CA GLY A 48 4.58 -22.42 -5.90
C GLY A 48 3.31 -22.79 -5.17
N SER A 49 3.39 -22.96 -3.84
N SER A 49 3.42 -22.99 -3.85
CA SER A 49 2.24 -23.47 -3.11
CA SER A 49 2.27 -23.45 -3.07
C SER A 49 1.03 -22.56 -3.24
C SER A 49 1.05 -22.56 -3.27
N ASP A 50 1.24 -21.24 -3.23
CA ASP A 50 0.12 -20.30 -3.32
C ASP A 50 -0.24 -19.94 -4.76
N GLY A 51 0.48 -20.45 -5.73
CA GLY A 51 0.22 -20.17 -7.12
C GLY A 51 1.39 -19.55 -7.84
N GLY A 52 1.13 -18.91 -8.97
CA GLY A 52 2.18 -18.34 -9.78
C GLY A 52 2.68 -17.01 -9.23
N ASN A 53 3.66 -16.47 -9.94
CA ASN A 53 4.23 -15.18 -9.56
C ASN A 53 3.13 -14.13 -9.42
N LEU A 54 3.26 -13.26 -8.42
CA LEU A 54 2.35 -12.13 -8.33
C LEU A 54 2.61 -11.19 -9.48
N SER A 55 1.56 -10.81 -10.19
CA SER A 55 1.76 -9.92 -11.33
C SER A 55 0.59 -9.01 -11.66
N ASN A 56 -0.55 -9.10 -10.98
CA ASN A 56 -1.65 -8.20 -11.30
C ASN A 56 -2.56 -8.01 -10.10
N VAL A 57 -3.32 -6.91 -10.16
CA VAL A 57 -4.15 -6.48 -9.05
C VAL A 57 -5.23 -7.51 -8.72
N ALA A 58 -5.91 -8.03 -9.74
CA ALA A 58 -7.01 -8.97 -9.45
C ALA A 58 -6.49 -10.20 -8.72
N GLN A 59 -5.33 -10.70 -9.13
CA GLN A 59 -4.72 -11.86 -8.48
C GLN A 59 -4.38 -11.55 -7.03
N VAL A 60 -3.80 -10.38 -6.79
CA VAL A 60 -3.43 -9.97 -5.43
C VAL A 60 -4.68 -9.81 -4.57
N LYS A 61 -5.70 -9.15 -5.11
CA LYS A 61 -6.95 -8.99 -4.35
C LYS A 61 -7.58 -10.32 -4.02
N ALA A 62 -7.49 -11.29 -4.93
CA ALA A 62 -8.07 -12.60 -4.66
C ALA A 62 -7.35 -13.30 -3.52
N PHE A 63 -6.03 -13.18 -3.48
CA PHE A 63 -5.30 -13.78 -2.37
C PHE A 63 -5.65 -13.10 -1.06
N ILE A 64 -5.70 -11.77 -1.05
CA ILE A 64 -6.08 -11.05 0.16
C ILE A 64 -7.44 -11.51 0.65
N ALA A 65 -8.41 -11.61 -0.25
CA ALA A 65 -9.79 -11.86 0.16
C ALA A 65 -9.98 -13.24 0.76
N ALA A 66 -9.11 -14.19 0.45
CA ALA A 66 -9.24 -15.56 0.91
C ALA A 66 -8.32 -15.88 2.07
N ASN A 67 -7.57 -14.90 2.58
CA ASN A 67 -6.57 -15.17 3.61
C ASN A 67 -6.64 -14.11 4.69
N GLU A 68 -6.22 -14.50 5.88
CA GLU A 68 -6.02 -13.53 6.94
C GLU A 68 -4.57 -13.06 6.89
N ALA A 69 -4.39 -11.80 7.23
CA ALA A 69 -3.07 -11.20 7.20
C ALA A 69 -2.12 -11.95 8.12
N ASP A 70 -0.88 -12.08 7.72
CA ASP A 70 0.16 -12.65 8.55
C ASP A 70 0.67 -11.69 9.61
N ALA A 71 0.52 -10.38 9.40
CA ALA A 71 0.83 -9.39 10.43
C ALA A 71 0.01 -8.16 10.10
N THR A 72 -0.25 -7.36 11.13
CA THR A 72 -0.87 -6.05 10.96
C THR A 72 0.10 -4.99 11.45
N PHE A 73 -0.15 -3.75 11.05
CA PHE A 73 0.68 -2.61 11.45
C PHE A 73 -0.16 -1.35 11.25
N ILE A 74 0.44 -0.21 11.56
CA ILE A 74 -0.19 1.08 11.32
C ILE A 74 0.73 1.85 10.39
N GLY A 75 0.19 2.29 9.26
CA GLY A 75 0.92 3.09 8.32
C GLY A 75 0.74 4.56 8.61
N ARG A 76 1.74 5.18 9.22
CA ARG A 76 1.69 6.61 9.52
C ARG A 76 2.40 7.45 8.48
N ASN A 77 3.32 6.89 7.71
CA ASN A 77 4.08 7.64 6.72
C ASN A 77 4.41 6.64 5.62
N ILE A 78 3.72 6.71 4.49
CA ILE A 78 3.82 5.65 3.46
C ILE A 78 5.00 6.00 2.56
N ASP A 79 6.18 5.72 3.08
CA ASP A 79 7.45 5.94 2.39
C ASP A 79 8.33 4.76 2.83
N TYR A 80 8.28 3.68 2.06
CA TYR A 80 8.80 2.40 2.48
C TYR A 80 9.82 1.89 1.45
N GLY A 81 10.84 1.23 1.94
CA GLY A 81 11.88 0.78 1.04
C GLY A 81 12.73 1.94 0.56
N SER A 82 13.59 1.69 -0.43
CA SER A 82 13.73 0.42 -1.11
C SER A 82 14.50 -0.59 -0.28
N VAL A 83 14.11 -1.85 -0.35
CA VAL A 83 14.90 -2.96 0.17
C VAL A 83 15.20 -3.89 -1.00
N SER A 84 16.25 -4.69 -0.85
CA SER A 84 16.60 -5.69 -1.84
C SER A 84 16.56 -7.07 -1.19
N GLY A 85 16.58 -8.11 -2.00
CA GLY A 85 16.53 -9.45 -1.48
C GLY A 85 15.16 -9.94 -1.10
N ASP A 86 14.12 -9.36 -1.71
CA ASP A 86 12.72 -9.71 -1.54
C ASP A 86 12.10 -9.04 -0.31
N LEU A 87 10.95 -8.40 -0.48
CA LEU A 87 10.21 -7.89 0.66
C LEU A 87 9.89 -9.01 1.65
N GLY A 88 9.67 -10.23 1.14
CA GLY A 88 9.40 -11.37 1.98
C GLY A 88 10.61 -12.03 2.60
N GLY A 89 11.80 -11.52 2.37
CA GLY A 89 12.99 -12.11 2.95
C GLY A 89 13.11 -11.85 4.44
N ASN A 90 14.00 -12.62 5.08
CA ASN A 90 14.18 -12.49 6.52
C ASN A 90 14.53 -11.06 6.89
N GLY A 91 13.77 -10.49 7.83
CA GLY A 91 13.99 -9.14 8.31
C GLY A 91 13.60 -8.04 7.36
N LYS A 92 13.09 -8.36 6.16
CA LYS A 92 12.96 -7.34 5.13
C LYS A 92 11.73 -6.45 5.30
N VAL A 93 10.59 -6.99 5.73
CA VAL A 93 9.44 -6.12 5.92
C VAL A 93 9.73 -5.13 7.04
N GLN A 94 10.48 -5.55 8.06
CA GLN A 94 10.83 -4.64 9.14
C GLN A 94 11.67 -3.47 8.61
N SER A 95 12.67 -3.76 7.79
N SER A 95 12.67 -3.76 7.79
CA SER A 95 13.46 -2.70 7.19
CA SER A 95 13.46 -2.67 7.20
C SER A 95 12.61 -1.82 6.27
C SER A 95 12.61 -1.82 6.27
N PHE A 96 11.76 -2.46 5.45
CA PHE A 96 10.93 -1.74 4.48
C PHE A 96 10.04 -0.71 5.15
N LEU A 97 9.43 -1.06 6.26
CA LEU A 97 8.44 -0.19 6.90
C LEU A 97 9.06 0.95 7.70
N LYS A 98 10.38 1.02 7.80
CA LYS A 98 11.06 2.16 8.44
C LYS A 98 10.47 2.34 9.85
N ASP A 99 10.07 3.54 10.23
CA ASP A 99 9.59 3.75 11.59
C ASP A 99 8.27 3.05 11.86
N ASP A 100 7.51 2.68 10.82
CA ASP A 100 6.25 1.99 11.05
C ASP A 100 6.46 0.52 11.42
N ALA A 101 7.69 -0.01 11.31
CA ALA A 101 7.93 -1.38 11.69
C ALA A 101 7.64 -1.63 13.17
N GLY A 102 7.79 -0.59 14.00
CA GLY A 102 7.53 -0.74 15.42
C GLY A 102 6.10 -1.07 15.74
N SER A 103 5.18 -0.98 14.78
CA SER A 103 3.79 -1.31 14.99
C SER A 103 3.41 -2.70 14.48
N LEU A 104 4.34 -3.46 13.91
CA LEU A 104 4.03 -4.80 13.43
C LEU A 104 3.59 -5.71 14.57
N SER A 105 2.52 -6.46 14.34
CA SER A 105 1.97 -7.31 15.40
C SER A 105 2.83 -8.54 15.66
N THR A 106 3.66 -8.93 14.70
CA THR A 106 4.51 -10.10 14.81
C THR A 106 5.51 -10.00 13.68
N ASP A 107 6.52 -10.87 13.69
CA ASP A 107 7.40 -11.04 12.54
C ASP A 107 6.75 -12.07 11.63
N PRO A 108 6.17 -11.69 10.51
CA PRO A 108 5.48 -12.67 9.67
C PRO A 108 6.47 -13.64 9.04
N GLU A 109 5.96 -14.80 8.65
CA GLU A 109 6.81 -15.79 7.99
C GLU A 109 7.42 -15.19 6.73
N ASN A 110 8.60 -15.68 6.39
CA ASN A 110 9.29 -15.25 5.18
C ASN A 110 8.73 -15.97 3.95
N SER A 111 8.85 -15.33 2.79
CA SER A 111 8.29 -15.89 1.57
C SER A 111 8.93 -15.23 0.35
N SER A 112 8.64 -15.80 -0.82
CA SER A 112 9.17 -15.29 -2.08
C SER A 112 8.55 -13.95 -2.46
N ASP A 113 7.26 -13.80 -2.24
CA ASP A 113 6.48 -12.65 -2.68
C ASP A 113 5.78 -12.07 -1.46
N ALA A 114 5.27 -10.85 -1.58
CA ALA A 114 4.63 -10.21 -0.43
C ALA A 114 3.60 -9.21 -0.90
N ILE A 115 2.56 -9.04 -0.08
CA ILE A 115 1.45 -8.13 -0.37
C ILE A 115 1.23 -7.26 0.85
N VAL A 116 0.97 -5.96 0.61
CA VAL A 116 0.58 -5.03 1.66
C VAL A 116 -0.75 -4.42 1.29
N LYS A 117 -1.66 -4.34 2.27
CA LYS A 117 -2.91 -3.63 2.11
C LYS A 117 -2.99 -2.55 3.18
N LEU A 118 -3.42 -1.37 2.77
CA LEU A 118 -3.60 -0.24 3.68
C LEU A 118 -5.02 0.28 3.50
N THR A 119 -5.71 0.50 4.62
CA THR A 119 -7.09 0.99 4.56
C THR A 119 -7.32 2.07 5.60
N GLY A 120 -8.25 2.95 5.28
CA GLY A 120 -8.66 3.97 6.23
C GLY A 120 -9.66 4.88 5.58
N ASN A 121 -9.87 6.01 6.22
CA ASN A 121 -10.74 7.07 5.74
C ASN A 121 -9.94 8.34 5.57
N LEU A 122 -10.19 9.05 4.49
CA LEU A 122 -9.47 10.28 4.20
C LEU A 122 -10.00 11.40 5.07
N GLU A 123 -9.11 12.06 5.80
CA GLU A 123 -9.47 13.16 6.69
C GLU A 123 -9.25 14.46 5.92
N LEU A 124 -10.11 14.66 4.92
CA LEU A 124 -9.99 15.76 3.99
C LEU A 124 -11.34 16.45 3.86
N GLN A 125 -11.29 17.77 3.74
CA GLN A 125 -12.46 18.54 3.39
C GLN A 125 -12.82 18.32 1.92
N ALA A 126 -14.04 18.70 1.55
CA ALA A 126 -14.45 18.66 0.16
C ALA A 126 -13.35 19.22 -0.74
N GLY A 127 -13.06 18.53 -1.83
CA GLY A 127 -12.01 18.99 -2.70
C GLY A 127 -11.65 17.97 -3.75
N THR A 128 -10.65 18.35 -4.55
CA THR A 128 -10.12 17.57 -5.65
C THR A 128 -8.66 17.29 -5.34
N TYR A 129 -8.29 16.01 -5.35
CA TYR A 129 -7.01 15.55 -4.85
C TYR A 129 -6.39 14.60 -5.88
N GLN A 130 -5.15 14.21 -5.63
CA GLN A 130 -4.41 13.40 -6.59
C GLN A 130 -3.24 12.73 -5.89
N PHE A 131 -3.07 11.43 -6.14
CA PHE A 131 -1.93 10.69 -5.65
C PHE A 131 -0.83 10.61 -6.71
N ARG A 132 0.39 10.48 -6.23
CA ARG A 132 1.55 10.11 -7.03
C ARG A 132 2.28 9.02 -6.27
N VAL A 133 2.65 7.95 -6.98
CA VAL A 133 3.16 6.74 -6.34
C VAL A 133 4.46 6.32 -7.00
N ARG A 134 5.47 6.05 -6.20
CA ARG A 134 6.68 5.39 -6.67
C ARG A 134 6.69 3.99 -6.05
N ALA A 135 6.75 2.96 -6.89
CA ALA A 135 6.65 1.60 -6.37
C ALA A 135 7.42 0.61 -7.23
N ASP A 136 7.82 -0.47 -6.57
CA ASP A 136 8.29 -1.73 -7.17
C ASP A 136 7.68 -2.76 -6.22
N ASP A 137 6.68 -3.55 -6.63
CA ASP A 137 6.16 -3.73 -7.97
C ASP A 137 4.89 -2.92 -8.19
N GLY A 138 3.73 -3.57 -8.17
CA GLY A 138 2.48 -2.94 -8.54
C GLY A 138 1.62 -2.53 -7.36
N TYR A 139 0.53 -1.86 -7.71
CA TYR A 139 -0.37 -1.33 -6.69
C TYR A 139 -1.66 -0.85 -7.33
N ARG A 140 -2.67 -0.68 -6.48
CA ARG A 140 -3.90 0.03 -6.85
C ARG A 140 -4.36 0.82 -5.64
N ILE A 141 -4.76 2.07 -5.86
CA ILE A 141 -5.42 2.91 -4.85
C ILE A 141 -6.85 3.15 -5.30
N GLU A 142 -7.79 2.89 -4.41
CA GLU A 142 -9.20 3.17 -4.63
C GLU A 142 -9.70 4.14 -3.56
N VAL A 143 -10.50 5.11 -3.97
CA VAL A 143 -11.15 6.05 -3.05
C VAL A 143 -12.64 5.91 -3.30
N ASN A 144 -13.38 5.58 -2.24
CA ASN A 144 -14.82 5.33 -2.34
C ASN A 144 -15.10 4.32 -3.45
N GLY A 145 -14.26 3.30 -3.53
CA GLY A 145 -14.43 2.19 -4.43
C GLY A 145 -14.00 2.42 -5.86
N GLN A 146 -13.53 3.62 -6.20
CA GLN A 146 -13.11 3.92 -7.56
C GLN A 146 -11.60 3.99 -7.65
N THR A 147 -11.03 3.42 -8.70
CA THR A 147 -9.60 3.45 -8.90
C THR A 147 -9.14 4.86 -9.19
N VAL A 148 -8.16 5.33 -8.44
CA VAL A 148 -7.58 6.65 -8.64
C VAL A 148 -6.10 6.61 -8.93
N ALA A 149 -5.44 5.47 -8.74
CA ALA A 149 -4.03 5.33 -9.12
C ALA A 149 -3.74 3.84 -9.21
N GLU A 150 -2.89 3.45 -10.16
CA GLU A 150 -2.49 2.06 -10.20
C GLU A 150 -1.30 1.88 -11.12
N TYR A 151 -0.50 0.87 -10.82
CA TYR A 151 0.40 0.26 -11.80
C TYR A 151 0.12 -1.23 -11.71
N ASN A 152 -0.61 -1.74 -12.70
CA ASN A 152 -1.10 -3.11 -12.65
C ASN A 152 -0.08 -4.01 -13.34
N GLY A 153 0.99 -4.33 -12.64
CA GLY A 153 2.06 -5.12 -13.22
C GLY A 153 3.31 -5.05 -12.36
N ASN A 154 4.32 -5.78 -12.79
CA ASN A 154 5.62 -5.76 -12.16
C ASN A 154 6.52 -4.72 -12.82
N GLN A 155 7.38 -4.11 -12.02
CA GLN A 155 8.23 -3.03 -12.52
C GLN A 155 9.32 -2.76 -11.50
N GLY A 156 10.48 -2.30 -11.98
CA GLY A 156 11.42 -1.63 -11.11
C GLY A 156 10.83 -0.32 -10.64
N ALA A 157 11.46 0.29 -9.63
CA ALA A 157 10.84 1.45 -9.00
C ALA A 157 10.58 2.53 -10.03
N ASN A 158 9.33 2.97 -10.10
CA ASN A 158 8.94 4.00 -11.05
C ASN A 158 7.84 4.83 -10.44
N THR A 159 7.81 6.11 -10.83
CA THR A 159 6.89 7.09 -10.27
C THR A 159 5.81 7.40 -11.29
N ARG A 160 4.55 7.33 -10.86
CA ARG A 160 3.42 7.51 -11.77
C ARG A 160 2.38 8.38 -11.06
N THR A 161 1.85 9.35 -11.78
CA THR A 161 0.82 10.23 -11.26
C THR A 161 -0.53 9.64 -11.54
N GLY A 162 -1.37 9.59 -10.53
CA GLY A 162 -2.71 9.09 -10.66
C GLY A 162 -3.68 10.14 -11.18
N SER A 163 -4.95 9.78 -11.17
N SER A 163 -4.94 9.78 -11.20
CA SER A 163 -6.00 10.66 -11.65
CA SER A 163 -5.96 10.70 -11.70
C SER A 163 -6.40 11.66 -10.56
C SER A 163 -6.46 11.62 -10.59
N GLU A 164 -6.81 12.85 -10.97
CA GLU A 164 -7.52 13.72 -10.05
C GLU A 164 -8.85 13.08 -9.67
N PHE A 165 -9.23 13.22 -8.41
CA PHE A 165 -10.51 12.71 -7.95
C PHE A 165 -11.14 13.77 -7.05
N THR A 166 -12.44 13.88 -7.12
CA THR A 166 -13.20 14.81 -6.28
C THR A 166 -14.02 13.99 -5.30
N LEU A 167 -13.92 14.32 -4.04
CA LEU A 167 -14.66 13.55 -3.04
C LEU A 167 -16.15 13.67 -3.32
N THR A 168 -16.86 12.55 -3.18
CA THR A 168 -18.27 12.44 -3.57
C THR A 168 -19.07 11.82 -2.45
N GLY A 169 -20.26 12.38 -2.19
CA GLY A 169 -21.04 12.00 -1.04
C GLY A 169 -20.50 12.64 0.24
N ASP A 170 -21.15 12.31 1.36
CA ASP A 170 -20.78 12.92 2.63
C ASP A 170 -19.71 12.15 3.38
N GLY A 171 -19.31 10.98 2.89
CA GLY A 171 -18.28 10.20 3.54
C GLY A 171 -18.82 9.41 4.71
N PRO A 172 -17.93 8.77 5.49
CA PRO A 172 -16.46 8.81 5.34
C PRO A 172 -15.98 8.39 3.95
N HIS A 173 -14.84 8.94 3.57
CA HIS A 173 -14.26 8.71 2.24
C HIS A 173 -13.23 7.62 2.38
N SER A 174 -13.61 6.41 2.02
CA SER A 174 -12.74 5.27 2.18
C SER A 174 -11.58 5.33 1.21
N VAL A 175 -10.43 4.86 1.67
CA VAL A 175 -9.26 4.65 0.83
C VAL A 175 -8.76 3.23 1.07
N GLU A 176 -8.47 2.54 -0.02
CA GLU A 176 -7.95 1.17 0.03
C GLU A 176 -6.79 1.08 -0.94
N ILE A 177 -5.65 0.65 -0.44
CA ILE A 177 -4.43 0.49 -1.21
C ILE A 177 -4.01 -0.96 -1.14
N VAL A 178 -3.72 -1.55 -2.29
CA VAL A 178 -3.04 -2.84 -2.33
C VAL A 178 -1.74 -2.66 -3.09
N TYR A 179 -0.72 -3.39 -2.69
CA TYR A 179 0.65 -3.26 -3.20
C TYR A 179 1.27 -4.63 -3.12
N TRP A 180 2.17 -4.95 -4.05
CA TRP A 180 2.91 -6.20 -3.94
C TRP A 180 4.34 -6.08 -4.42
N ASP A 181 5.14 -7.01 -3.90
CA ASP A 181 6.47 -7.31 -4.40
C ASP A 181 6.47 -8.73 -4.96
N GLN A 182 6.81 -8.87 -6.24
CA GLN A 182 6.99 -10.18 -6.84
C GLN A 182 8.34 -10.80 -6.49
N GLY A 183 9.25 -10.02 -5.94
CA GLY A 183 10.60 -10.45 -5.63
C GLY A 183 11.58 -9.37 -6.02
N GLY A 184 12.78 -9.50 -5.51
CA GLY A 184 13.87 -8.60 -5.87
C GLY A 184 13.90 -7.37 -4.97
N ALA A 185 13.82 -6.19 -5.56
CA ALA A 185 13.72 -4.95 -4.80
C ALA A 185 12.26 -4.66 -4.50
N ALA A 186 12.02 -3.84 -3.50
CA ALA A 186 10.65 -3.50 -3.11
C ALA A 186 10.65 -2.08 -2.56
N GLN A 187 9.71 -1.27 -3.04
CA GLN A 187 9.58 0.11 -2.60
C GLN A 187 8.13 0.54 -2.75
N LEU A 188 7.65 1.36 -1.82
CA LEU A 188 6.33 1.97 -1.94
C LEU A 188 6.38 3.34 -1.30
N ARG A 189 6.21 4.39 -2.09
CA ARG A 189 6.13 5.76 -1.59
C ARG A 189 4.89 6.40 -2.21
N ILE A 190 3.96 6.81 -1.37
CA ILE A 190 2.71 7.42 -1.80
C ILE A 190 2.70 8.87 -1.36
N GLU A 191 2.44 9.77 -2.31
CA GLU A 191 2.23 11.18 -2.06
C GLU A 191 0.80 11.56 -2.43
N LEU A 192 0.28 12.58 -1.75
CA LEU A 192 -1.06 13.11 -2.00
C LEU A 192 -0.96 14.62 -2.09
N ARG A 193 -1.69 15.21 -3.02
CA ARG A 193 -1.83 16.66 -3.06
C ARG A 193 -3.28 17.02 -3.31
N GLU A 194 -3.63 18.25 -2.95
CA GLU A 194 -4.82 18.89 -3.46
C GLU A 194 -4.47 19.49 -4.82
N GLN A 195 -5.42 19.48 -5.73
CA GLN A 195 -5.25 20.13 -7.02
C GLN A 195 -4.78 21.57 -6.81
N GLY A 196 -3.73 21.96 -7.55
CA GLY A 196 -3.15 23.27 -7.42
C GLY A 196 -2.19 23.39 -6.27
N GLY A 197 -1.94 22.32 -5.55
CA GLY A 197 -1.02 22.34 -4.43
C GLY A 197 0.16 21.41 -4.60
N ALA A 198 0.94 21.29 -3.54
CA ALA A 198 2.17 20.51 -3.55
C ALA A 198 1.94 19.13 -2.95
N TYR A 199 2.72 18.17 -3.44
CA TYR A 199 2.67 16.82 -2.91
C TYR A 199 3.24 16.74 -1.50
N GLU A 200 2.61 15.91 -0.66
CA GLU A 200 3.05 15.57 0.68
C GLU A 200 3.06 14.05 0.79
N ILE A 201 3.98 13.49 1.58
CA ILE A 201 3.95 12.06 1.84
C ILE A 201 2.64 11.71 2.52
N PHE A 202 1.95 10.70 1.97
CA PHE A 202 0.65 10.29 2.48
C PHE A 202 0.80 9.52 3.78
N GLY A 203 -0.11 9.78 4.70
CA GLY A 203 -0.04 9.12 5.99
C GLY A 203 -1.00 9.71 7.00
N SER A 204 -0.54 9.76 8.25
N SER A 204 -0.55 9.76 8.25
CA SER A 204 -1.38 10.19 9.36
CA SER A 204 -1.43 10.17 9.34
C SER A 204 -1.96 11.59 9.15
C SER A 204 -1.94 11.60 9.20
N GLN A 205 -1.25 12.46 8.44
CA GLN A 205 -1.76 13.80 8.17
C GLN A 205 -3.07 13.77 7.37
N HIS A 206 -3.34 12.67 6.66
CA HIS A 206 -4.40 12.63 5.68
C HIS A 206 -5.45 11.57 5.91
N ALA A 207 -5.24 10.66 6.85
CA ALA A 207 -6.13 9.51 6.95
C ALA A 207 -6.15 9.00 8.38
N SER A 208 -7.21 8.29 8.70
CA SER A 208 -7.42 7.67 9.99
C SER A 208 -8.05 6.31 9.75
N HIS A 209 -8.15 5.52 10.82
CA HIS A 209 -8.89 4.28 10.76
C HIS A 209 -9.47 4.00 12.14
N GLY A 210 -10.43 3.08 12.19
CA GLY A 210 -11.06 2.71 13.45
C GLY A 210 -10.82 1.25 13.80
#